data_2R1J
#
_entry.id   2R1J
#
_cell.length_a   64.105
_cell.length_b   64.105
_cell.length_c   101.685
_cell.angle_alpha   90.000
_cell.angle_beta   90.000
_cell.angle_gamma   90.000
#
_symmetry.space_group_name_H-M   'P 43'
#
loop_
_entity.id
_entity.type
_entity.pdbx_description
1 polymer "5'-D(*DCP*DAP*DTP*DTP*DTP*DAP*DAP*DGP*DAP*DTP*DAP*DTP*DCP*DTP*DTP*DAP*DAP*DAP*DTP*DA)-3'"
2 polymer "5'-D(*DTP*DAP*DTP*DTP*DTP*DAP*DAP*DGP*DAP*DTP*DAP*DTP*DCP*DTP*DTP*DAP*DAP*DAP*DTP*DG)-3'"
3 polymer 'Repressor protein C2'
4 water water
#
loop_
_entity_poly.entity_id
_entity_poly.type
_entity_poly.pdbx_seq_one_letter_code
_entity_poly.pdbx_strand_id
1 'polydeoxyribonucleotide' (DC)(DA)(DT)(DT)(DT)(DA)(DA)(DG)(DA)(DT)(DA)(DT)(DC)(DT)(DT)(DA)(DA)(DA)(DT)(DA) B
2 'polydeoxyribonucleotide' (DT)(DA)(DT)(DT)(DT)(DA)(DA)(DG)(DA)(DT)(DA)(DT)(DC)(DT)(DT)(DA)(DA)(DA)(DT)(DG) A
3 'polypeptide(L)' MNTQLMGERIRARRKKLKIRQAALGKMVGVSNVAISQWERSETEPNGENLLALSKALQCSPDYLLKGD L,R
#
loop_
_chem_comp.id
_chem_comp.type
_chem_comp.name
_chem_comp.formula
DA DNA linking 2'-DEOXYADENOSINE-5'-MONOPHOSPHATE 'C10 H14 N5 O6 P'
DC DNA linking 2'-DEOXYCYTIDINE-5'-MONOPHOSPHATE 'C9 H14 N3 O7 P'
DG DNA linking 2'-DEOXYGUANOSINE-5'-MONOPHOSPHATE 'C10 H14 N5 O7 P'
DT DNA linking THYMIDINE-5'-MONOPHOSPHATE 'C10 H15 N2 O8 P'
#
# COMPACT_ATOMS: atom_id res chain seq x y z
N THR C 3 -5.49 -11.79 17.15
CA THR C 3 -4.37 -10.82 17.20
C THR C 3 -4.90 -9.42 16.90
N GLN C 4 -4.08 -8.41 17.11
CA GLN C 4 -4.48 -7.03 16.85
C GLN C 4 -4.58 -6.74 15.35
N LEU C 5 -5.71 -6.17 14.94
CA LEU C 5 -5.96 -5.82 13.53
C LEU C 5 -5.37 -4.48 13.13
N MET C 6 -5.10 -4.29 11.84
CA MET C 6 -4.53 -3.02 11.38
C MET C 6 -5.45 -1.87 11.79
N GLY C 7 -6.76 -2.07 11.64
CA GLY C 7 -7.73 -1.03 11.96
C GLY C 7 -7.58 -0.48 13.37
N GLU C 8 -7.20 -1.36 14.29
CA GLU C 8 -7.01 -0.97 15.69
C GLU C 8 -5.78 -0.09 15.83
N ARG C 9 -4.73 -0.40 15.07
CA ARG C 9 -3.52 0.40 15.11
C ARG C 9 -3.77 1.77 14.48
N ILE C 10 -4.65 1.80 13.49
CA ILE C 10 -4.99 3.05 12.83
C ILE C 10 -5.74 3.97 13.80
N ARG C 11 -6.75 3.43 14.47
CA ARG C 11 -7.54 4.25 15.39
C ARG C 11 -6.68 4.71 16.54
N ALA C 12 -5.91 3.80 17.15
CA ALA C 12 -5.09 4.24 18.28
C ALA C 12 -4.13 5.35 17.88
N ARG C 13 -3.55 5.24 16.69
CA ARG C 13 -2.61 6.24 16.21
C ARG C 13 -3.31 7.58 15.98
N ARG C 14 -4.54 7.53 15.47
CA ARG C 14 -5.30 8.74 15.21
C ARG C 14 -5.63 9.43 16.56
N LYS C 15 -6.07 8.65 17.54
CA LYS C 15 -6.40 9.18 18.87
C LYS C 15 -5.19 9.91 19.45
N LYS C 16 -4.01 9.36 19.22
CA LYS C 16 -2.77 9.97 19.72
C LYS C 16 -2.56 11.38 19.14
N LEU C 17 -2.84 11.54 17.84
CA LEU C 17 -2.70 12.83 17.17
C LEU C 17 -3.84 13.79 17.49
N LYS C 18 -4.86 13.28 18.18
CA LYS C 18 -6.03 14.06 18.56
C LYS C 18 -6.69 14.75 17.38
N ILE C 19 -7.17 13.95 16.44
CA ILE C 19 -7.86 14.53 15.29
C ILE C 19 -9.06 13.66 14.96
N ARG C 20 -10.10 14.27 14.38
CA ARG C 20 -11.31 13.55 14.04
C ARG C 20 -11.06 12.70 12.78
N GLN C 21 -11.97 11.78 12.48
CA GLN C 21 -11.81 10.93 11.29
C GLN C 21 -11.82 11.80 10.04
N ALA C 22 -12.69 12.79 10.03
CA ALA C 22 -12.78 13.69 8.89
C ALA C 22 -11.46 14.44 8.68
N ALA C 23 -10.77 14.79 9.76
CA ALA C 23 -9.51 15.50 9.62
C ALA C 23 -8.44 14.58 9.06
N LEU C 24 -8.41 13.33 9.51
CA LEU C 24 -7.42 12.39 8.97
C LEU C 24 -7.75 12.15 7.49
N GLY C 25 -9.03 12.02 7.18
CA GLY C 25 -9.42 11.80 5.78
C GLY C 25 -8.91 12.92 4.88
N LYS C 26 -9.03 14.15 5.34
CA LYS C 26 -8.56 15.30 4.57
C LYS C 26 -7.05 15.20 4.33
N MET C 27 -6.32 14.77 5.35
CA MET C 27 -4.88 14.62 5.25
C MET C 27 -4.46 13.53 4.24
N VAL C 28 -5.22 12.43 4.22
CA VAL C 28 -4.95 11.28 3.33
C VAL C 28 -5.54 11.44 1.93
N GLY C 29 -6.66 12.15 1.83
CA GLY C 29 -7.30 12.31 0.54
C GLY C 29 -8.49 11.38 0.34
N VAL C 30 -9.14 10.99 1.42
CA VAL C 30 -10.32 10.14 1.37
C VAL C 30 -11.38 10.71 2.27
N SER C 31 -12.56 10.12 2.24
CA SER C 31 -13.66 10.57 3.07
C SER C 31 -13.50 10.09 4.50
N ASN C 32 -14.26 10.71 5.40
CA ASN C 32 -14.23 10.28 6.78
C ASN C 32 -14.79 8.86 6.85
N VAL C 33 -15.73 8.53 5.97
CA VAL C 33 -16.29 7.18 5.97
C VAL C 33 -15.18 6.13 5.66
N ALA C 34 -14.28 6.43 4.72
CA ALA C 34 -13.21 5.50 4.42
C ALA C 34 -12.36 5.26 5.68
N ILE C 35 -12.09 6.33 6.42
CA ILE C 35 -11.29 6.16 7.64
C ILE C 35 -12.04 5.23 8.60
N SER C 36 -13.34 5.45 8.74
CA SER C 36 -14.19 4.62 9.60
C SER C 36 -14.16 3.16 9.17
N GLN C 37 -14.16 2.93 7.86
CA GLN C 37 -14.13 1.57 7.36
C GLN C 37 -12.79 0.89 7.65
N TRP C 38 -11.68 1.62 7.50
CA TRP C 38 -10.37 1.04 7.80
C TRP C 38 -10.25 0.73 9.28
N GLU C 39 -10.73 1.64 10.12
CA GLU C 39 -10.59 1.43 11.58
C GLU C 39 -11.37 0.24 12.09
N ARG C 40 -12.52 -0.01 11.50
CA ARG C 40 -13.38 -1.11 11.89
C ARG C 40 -13.08 -2.39 11.11
N SER C 41 -12.04 -2.32 10.29
CA SER C 41 -11.64 -3.48 9.49
C SER C 41 -12.70 -3.93 8.47
N GLU C 42 -13.54 -2.99 8.05
CA GLU C 42 -14.59 -3.25 7.03
C GLU C 42 -13.87 -3.38 5.65
N THR C 43 -12.76 -2.67 5.51
CA THR C 43 -11.93 -2.71 4.31
C THR C 43 -10.50 -2.36 4.75
N GLU C 44 -9.54 -2.45 3.84
CA GLU C 44 -8.15 -2.08 4.09
C GLU C 44 -7.79 -1.04 3.03
N PRO C 45 -6.89 -0.11 3.37
CA PRO C 45 -6.51 0.91 2.40
C PRO C 45 -5.77 0.34 1.20
N ASN C 46 -6.00 0.96 0.04
CA ASN C 46 -5.32 0.50 -1.17
C ASN C 46 -3.86 0.99 -1.11
N GLY C 47 -3.08 0.74 -2.15
CA GLY C 47 -1.67 1.09 -2.12
C GLY C 47 -1.35 2.55 -1.87
N GLU C 48 -1.91 3.41 -2.70
CA GLU C 48 -1.64 4.84 -2.56
C GLU C 48 -2.15 5.34 -1.22
N ASN C 49 -3.33 4.87 -0.82
CA ASN C 49 -3.91 5.34 0.42
C ASN C 49 -3.16 4.84 1.66
N LEU C 50 -2.64 3.61 1.63
CA LEU C 50 -1.90 3.14 2.78
C LEU C 50 -0.65 4.00 2.96
N LEU C 51 0.04 4.31 1.88
CA LEU C 51 1.24 5.13 2.02
C LEU C 51 0.88 6.52 2.55
N ALA C 52 -0.18 7.14 2.04
CA ALA C 52 -0.56 8.47 2.52
C ALA C 52 -1.00 8.43 3.98
N LEU C 53 -1.63 7.33 4.37
CA LEU C 53 -2.10 7.14 5.73
C LEU C 53 -0.90 7.01 6.69
N SER C 54 0.10 6.24 6.27
CA SER C 54 1.28 6.05 7.11
C SER C 54 1.97 7.41 7.35
N LYS C 55 2.01 8.26 6.34
CA LYS C 55 2.63 9.57 6.51
C LYS C 55 1.80 10.43 7.46
N ALA C 56 0.50 10.48 7.26
CA ALA C 56 -0.39 11.27 8.13
C ALA C 56 -0.31 10.82 9.59
N LEU C 57 -0.14 9.52 9.82
CA LEU C 57 -0.07 8.99 11.18
C LEU C 57 1.36 8.91 11.72
N GLN C 58 2.32 9.35 10.92
CA GLN C 58 3.73 9.37 11.31
C GLN C 58 4.32 8.01 11.67
N CYS C 59 4.04 7.00 10.85
CA CYS C 59 4.57 5.69 11.11
C CYS C 59 4.81 4.97 9.78
N SER C 60 5.31 3.74 9.84
CA SER C 60 5.56 3.03 8.60
C SER C 60 4.33 2.21 8.19
N PRO C 61 4.22 1.91 6.89
CA PRO C 61 3.08 1.12 6.39
C PRO C 61 3.14 -0.27 7.03
N ASP C 62 4.37 -0.76 7.22
CA ASP C 62 4.60 -2.06 7.83
C ASP C 62 4.02 -2.13 9.23
N TYR C 63 4.19 -1.05 10.01
CA TYR C 63 3.64 -1.06 11.36
C TYR C 63 2.12 -1.18 11.31
N LEU C 64 1.48 -0.41 10.44
CA LEU C 64 0.03 -0.49 10.33
C LEU C 64 -0.42 -1.88 9.90
N LEU C 65 0.23 -2.41 8.87
CA LEU C 65 -0.15 -3.73 8.34
C LEU C 65 0.05 -4.92 9.27
N LYS C 66 1.21 -5.02 9.90
CA LYS C 66 1.51 -6.17 10.75
C LYS C 66 1.90 -5.84 12.18
N GLY C 67 2.17 -4.57 12.45
CA GLY C 67 2.55 -4.14 13.78
C GLY C 67 3.97 -4.52 14.15
N ASP C 68 4.14 -4.99 15.38
CA ASP C 68 5.44 -5.40 15.88
C ASP C 68 5.41 -6.88 16.24
N THR D 3 6.53 11.35 -17.41
CA THR D 3 5.20 10.74 -17.63
C THR D 3 5.27 9.24 -17.36
N GLN D 4 6.21 8.85 -16.51
CA GLN D 4 6.40 7.43 -16.19
C GLN D 4 5.34 6.91 -15.23
N LEU D 5 4.72 5.79 -15.58
CA LEU D 5 3.68 5.20 -14.73
C LEU D 5 4.25 4.18 -13.74
N MET D 6 3.53 3.92 -12.65
CA MET D 6 4.03 2.95 -11.67
C MET D 6 4.26 1.59 -12.35
N GLY D 7 3.34 1.22 -13.24
CA GLY D 7 3.42 -0.04 -13.96
C GLY D 7 4.76 -0.19 -14.68
N GLU D 8 5.24 0.90 -15.25
CA GLU D 8 6.53 0.85 -15.96
C GLU D 8 7.69 0.62 -14.98
N ARG D 9 7.61 1.21 -13.79
CA ARG D 9 8.65 1.03 -12.77
C ARG D 9 8.61 -0.43 -12.26
N ILE D 10 7.40 -0.99 -12.11
CA ILE D 10 7.28 -2.37 -11.65
C ILE D 10 7.95 -3.30 -12.67
N ARG D 11 7.65 -3.13 -13.94
CA ARG D 11 8.24 -3.99 -14.95
C ARG D 11 9.77 -3.82 -15.03
N ALA D 12 10.26 -2.59 -14.96
CA ALA D 12 11.69 -2.36 -15.01
C ALA D 12 12.40 -3.06 -13.85
N ARG D 13 11.82 -3.00 -12.66
CA ARG D 13 12.44 -3.66 -11.51
C ARG D 13 12.38 -5.18 -11.68
N ARG D 14 11.29 -5.71 -12.22
CA ARG D 14 11.24 -7.15 -12.43
C ARG D 14 12.31 -7.56 -13.47
N LYS D 15 12.47 -6.75 -14.52
CA LYS D 15 13.45 -7.04 -15.57
C LYS D 15 14.86 -7.05 -14.96
N LYS D 16 15.07 -6.22 -13.95
CA LYS D 16 16.39 -6.14 -13.31
C LYS D 16 16.69 -7.47 -12.63
N LEU D 17 15.65 -8.11 -12.11
CA LEU D 17 15.77 -9.41 -11.43
C LEU D 17 15.86 -10.57 -12.41
N LYS D 18 15.41 -10.31 -13.62
CA LYS D 18 15.37 -11.26 -14.70
C LYS D 18 14.44 -12.44 -14.47
N ILE D 19 13.34 -12.19 -13.74
CA ILE D 19 12.36 -13.25 -13.49
C ILE D 19 11.04 -13.03 -14.23
N ARG D 20 10.29 -14.12 -14.42
CA ARG D 20 9.00 -14.08 -15.13
C ARG D 20 7.90 -13.48 -14.25
N GLN D 21 6.79 -13.05 -14.86
CA GLN D 21 5.69 -12.54 -14.06
C GLN D 21 5.20 -13.61 -13.06
N ALA D 22 5.12 -14.87 -13.48
CA ALA D 22 4.62 -15.90 -12.57
C ALA D 22 5.52 -16.03 -11.34
N ALA D 23 6.83 -15.93 -11.55
CA ALA D 23 7.78 -16.04 -10.44
C ALA D 23 7.59 -14.88 -9.48
N LEU D 24 7.42 -13.67 -10.02
CA LEU D 24 7.23 -12.53 -9.14
C LEU D 24 5.91 -12.68 -8.40
N GLY D 25 4.89 -13.20 -9.08
CA GLY D 25 3.58 -13.39 -8.45
C GLY D 25 3.73 -14.31 -7.25
N LYS D 26 4.49 -15.38 -7.42
CA LYS D 26 4.67 -16.31 -6.32
C LYS D 26 5.34 -15.63 -5.12
N MET D 27 6.32 -14.78 -5.36
CA MET D 27 6.98 -14.07 -4.26
C MET D 27 6.04 -13.13 -3.49
N VAL D 28 5.11 -12.51 -4.21
CA VAL D 28 4.19 -11.54 -3.63
C VAL D 28 2.91 -12.09 -3.06
N GLY D 29 2.47 -13.24 -3.59
CA GLY D 29 1.24 -13.84 -3.14
C GLY D 29 0.06 -13.56 -4.07
N VAL D 30 0.35 -13.28 -5.33
CA VAL D 30 -0.75 -13.03 -6.29
C VAL D 30 -0.49 -13.82 -7.57
N SER D 31 -1.49 -13.78 -8.48
CA SER D 31 -1.33 -14.51 -9.75
C SER D 31 -0.43 -13.75 -10.75
N ASN D 32 0.05 -14.44 -11.77
CA ASN D 32 0.85 -13.81 -12.79
C ASN D 32 0.00 -12.77 -13.48
N VAL D 33 -1.29 -13.06 -13.57
CA VAL D 33 -2.20 -12.10 -14.22
C VAL D 33 -2.24 -10.76 -13.43
N ALA D 34 -2.27 -10.81 -12.11
CA ALA D 34 -2.26 -9.56 -11.35
C ALA D 34 -0.98 -8.77 -11.65
N ILE D 35 0.15 -9.47 -11.74
CA ILE D 35 1.40 -8.80 -12.04
C ILE D 35 1.28 -8.08 -13.41
N SER D 36 0.75 -8.81 -14.39
CA SER D 36 0.52 -8.27 -15.72
C SER D 36 -0.38 -7.06 -15.69
N GLN D 37 -1.47 -7.12 -14.90
CA GLN D 37 -2.38 -5.96 -14.81
C GLN D 37 -1.65 -4.77 -14.17
N TRP D 38 -0.80 -5.02 -13.17
CA TRP D 38 -0.07 -3.92 -12.56
C TRP D 38 0.94 -3.31 -13.52
N GLU D 39 1.63 -4.15 -14.28
CA GLU D 39 2.63 -3.62 -15.17
C GLU D 39 2.05 -2.79 -16.29
N ARG D 40 0.87 -3.17 -16.78
CA ARG D 40 0.20 -2.44 -17.87
C ARG D 40 -0.64 -1.26 -17.34
N SER D 41 -0.56 -1.01 -16.04
CA SER D 41 -1.29 0.07 -15.38
C SER D 41 -2.81 -0.06 -15.51
N GLU D 42 -3.26 -1.30 -15.61
CA GLU D 42 -4.69 -1.61 -15.69
C GLU D 42 -5.29 -1.47 -14.30
N THR D 43 -4.51 -1.88 -13.29
CA THR D 43 -4.87 -1.75 -11.87
C THR D 43 -3.61 -1.39 -11.08
N GLU D 44 -3.78 -1.04 -9.80
CA GLU D 44 -2.65 -0.76 -8.92
C GLU D 44 -2.76 -1.71 -7.73
N PRO D 45 -1.61 -2.17 -7.20
CA PRO D 45 -1.65 -3.09 -6.06
C PRO D 45 -2.31 -2.51 -4.84
N ASN D 46 -3.01 -3.36 -4.07
CA ASN D 46 -3.67 -2.91 -2.86
C ASN D 46 -2.57 -2.67 -1.76
N GLY D 47 -2.97 -2.31 -0.55
CA GLY D 47 -1.96 -2.01 0.46
C GLY D 47 -0.96 -3.11 0.76
N GLU D 48 -1.49 -4.26 1.15
CA GLU D 48 -0.64 -5.39 1.50
C GLU D 48 0.22 -5.85 0.31
N ASN D 49 -0.39 -5.87 -0.88
CA ASN D 49 0.38 -6.30 -2.04
C ASN D 49 1.45 -5.30 -2.48
N LEU D 50 1.21 -4.01 -2.27
CA LEU D 50 2.19 -3.00 -2.64
C LEU D 50 3.42 -3.21 -1.75
N LEU D 51 3.21 -3.44 -0.46
CA LEU D 51 4.36 -3.65 0.44
C LEU D 51 5.10 -4.94 0.06
N ALA D 52 4.38 -6.03 -0.19
CA ALA D 52 5.04 -7.28 -0.57
C ALA D 52 5.80 -7.14 -1.88
N LEU D 53 5.19 -6.41 -2.82
CA LEU D 53 5.82 -6.20 -4.11
C LEU D 53 7.09 -5.37 -3.94
N SER D 54 7.05 -4.35 -3.08
CA SER D 54 8.21 -3.51 -2.90
C SER D 54 9.38 -4.32 -2.34
N LYS D 55 9.09 -5.27 -1.45
CA LYS D 55 10.16 -6.09 -0.91
C LYS D 55 10.74 -7.02 -1.96
N ALA D 56 9.86 -7.65 -2.74
CA ALA D 56 10.33 -8.55 -3.78
C ALA D 56 11.17 -7.83 -4.82
N LEU D 57 10.84 -6.57 -5.10
CA LEU D 57 11.58 -5.82 -6.13
C LEU D 57 12.76 -5.06 -5.53
N GLN D 58 12.96 -5.21 -4.22
CA GLN D 58 14.05 -4.55 -3.53
C GLN D 58 14.05 -3.03 -3.65
N CYS D 59 12.91 -2.41 -3.41
CA CYS D 59 12.80 -0.94 -3.48
C CYS D 59 11.71 -0.44 -2.53
N SER D 60 11.54 0.87 -2.40
CA SER D 60 10.50 1.36 -1.50
C SER D 60 9.15 1.46 -2.21
N PRO D 61 8.07 1.43 -1.42
CA PRO D 61 6.73 1.53 -2.00
C PRO D 61 6.60 2.91 -2.64
N ASP D 62 7.23 3.92 -2.05
CA ASP D 62 7.14 5.28 -2.61
C ASP D 62 7.77 5.36 -3.99
N TYR D 63 8.88 4.65 -4.18
CA TYR D 63 9.53 4.63 -5.47
C TYR D 63 8.56 4.08 -6.51
N LEU D 64 7.91 2.96 -6.21
CA LEU D 64 6.97 2.42 -7.18
C LEU D 64 5.81 3.38 -7.43
N LEU D 65 5.22 3.92 -6.36
CA LEU D 65 4.07 4.80 -6.50
C LEU D 65 4.34 6.08 -7.26
N LYS D 66 5.41 6.78 -6.91
CA LYS D 66 5.69 8.04 -7.59
C LYS D 66 7.11 8.25 -8.07
N GLY D 67 7.89 7.17 -8.14
CA GLY D 67 9.28 7.28 -8.57
C GLY D 67 10.10 8.03 -7.53
N ASP D 68 11.19 7.45 -7.06
CA ASP D 68 12.05 8.12 -6.08
C ASP D 68 11.27 8.52 -4.80
#